data_1H1D
#
_entry.id   1H1D
#
_cell.length_a   51.490
_cell.length_b   51.490
_cell.length_c   168.290
_cell.angle_alpha   90.00
_cell.angle_beta   90.00
_cell.angle_gamma   120.00
#
_symmetry.space_group_name_H-M   'P 32 2 1'
#
loop_
_entity.id
_entity.type
_entity.pdbx_description
1 polymer CATECHOL-O-METHYLTRANSFERASE
2 non-polymer 'MAGNESIUM ION'
3 non-polymer S-ADENOSYLMETHIONINE
4 non-polymer '1-(3,4,DIHYDROXY-5-NITROPHENYL)-3-{4-[3-(TRIFLUOROMETHYL) PHENYL] PIPERAZIN-1-YL}PROPAN-1-ONE'
5 water water
#
_entity_poly.entity_id   1
_entity_poly.type   'polypeptide(L)'
_entity_poly.pdbx_seq_one_letter_code
;MGDTKEQRILRYVQQNAKPGDPQSVLEAIDTYCTQKEWAMNVGDAKGQIMDAVIREYSPSLVLELGAYCGYSAVRMARLL
QPGARLLTMEMNPDYAAITQQMLNFAGLQDKVTILNGASQDLIPQLKKKYDVDTLDMVFLDHWKDRYLPDTLLLEKCGLL
RKGTVLLADNVIVPGTPDFLAYVRGSSSFECTHYSSYLEYMKVVDGLEKAIYQGPSSPDKS
;
_entity_poly.pdbx_strand_id   A
#
loop_
_chem_comp.id
_chem_comp.type
_chem_comp.name
_chem_comp.formula
BIA non-polymer '1-(3,4,DIHYDROXY-5-NITROPHENYL)-3-{4-[3-(TRIFLUOROMETHYL) PHENYL] PIPERAZIN-1-YL}PROPAN-1-ONE' 'C20 H20 F3 N3 O5'
MG non-polymer 'MAGNESIUM ION' 'Mg 2'
SAM non-polymer S-ADENOSYLMETHIONINE 'C15 H22 N6 O5 S'
#
# COMPACT_ATOMS: atom_id res chain seq x y z
N ASP A 3 -16.57 17.94 -10.87
CA ASP A 3 -15.47 17.34 -10.06
C ASP A 3 -15.30 15.84 -10.32
N THR A 4 -14.30 15.24 -9.68
CA THR A 4 -14.00 13.82 -9.86
C THR A 4 -14.41 12.95 -8.68
N LYS A 5 -14.38 11.63 -8.89
CA LYS A 5 -14.73 10.68 -7.85
C LYS A 5 -13.82 10.82 -6.63
N GLU A 6 -12.52 10.96 -6.88
CA GLU A 6 -11.55 11.11 -5.81
C GLU A 6 -11.79 12.41 -5.04
N GLN A 7 -12.23 13.45 -5.73
CA GLN A 7 -12.51 14.71 -5.07
C GLN A 7 -13.75 14.56 -4.19
N ARG A 8 -14.73 13.81 -4.68
CA ARG A 8 -15.94 13.59 -3.91
C ARG A 8 -15.65 12.78 -2.65
N ILE A 9 -14.73 11.83 -2.74
CA ILE A 9 -14.38 11.04 -1.58
C ILE A 9 -13.69 11.93 -0.55
N LEU A 10 -12.74 12.74 -0.99
CA LEU A 10 -12.03 13.64 -0.09
C LEU A 10 -13.01 14.58 0.62
N ARG A 11 -13.93 15.15 -0.15
CA ARG A 11 -14.92 16.08 0.42
C ARG A 11 -15.78 15.33 1.43
N TYR A 12 -16.13 14.09 1.11
CA TYR A 12 -16.95 13.31 2.01
C TYR A 12 -16.23 13.14 3.35
N VAL A 13 -14.95 12.87 3.31
CA VAL A 13 -14.18 12.70 4.53
C VAL A 13 -14.11 13.98 5.36
N GLN A 14 -13.90 15.11 4.70
CA GLN A 14 -13.81 16.39 5.39
C GLN A 14 -15.11 16.79 6.07
N GLN A 15 -16.23 16.43 5.45
CA GLN A 15 -17.54 16.78 6.01
C GLN A 15 -18.08 15.71 6.95
N ASN A 16 -17.44 14.55 7.01
CA ASN A 16 -17.94 13.46 7.85
C ASN A 16 -16.97 12.84 8.86
N ALA A 17 -15.68 12.85 8.55
CA ALA A 17 -14.70 12.27 9.44
C ALA A 17 -14.24 13.28 10.49
N LYS A 18 -13.58 12.78 11.52
CA LYS A 18 -13.07 13.61 12.60
C LYS A 18 -11.61 13.93 12.32
N PRO A 19 -11.26 15.23 12.26
CA PRO A 19 -9.89 15.64 11.98
C PRO A 19 -8.90 15.00 12.97
N GLY A 20 -7.76 14.52 12.46
CA GLY A 20 -6.77 13.91 13.32
C GLY A 20 -7.12 12.53 13.81
N ASP A 21 -8.20 11.95 13.31
CA ASP A 21 -8.63 10.61 13.72
C ASP A 21 -8.55 9.66 12.53
N PRO A 22 -7.40 8.97 12.35
CA PRO A 22 -7.23 8.04 11.23
C PRO A 22 -8.37 7.03 11.11
N GLN A 23 -8.87 6.58 12.25
CA GLN A 23 -9.95 5.60 12.27
C GLN A 23 -11.24 6.12 11.63
N SER A 24 -11.65 7.34 12.00
CA SER A 24 -12.87 7.91 11.44
C SER A 24 -12.69 8.15 9.94
N VAL A 25 -11.47 8.50 9.54
CA VAL A 25 -11.18 8.73 8.13
C VAL A 25 -11.40 7.44 7.33
N LEU A 26 -10.84 6.34 7.82
CA LEU A 26 -10.99 5.04 7.16
C LEU A 26 -12.47 4.67 7.04
N GLU A 27 -13.21 4.80 8.12
CA GLU A 27 -14.64 4.46 8.13
C GLU A 27 -15.42 5.36 7.18
N ALA A 28 -15.06 6.65 7.12
CA ALA A 28 -15.76 7.56 6.23
C ALA A 28 -15.60 7.09 4.78
N ILE A 29 -14.36 6.75 4.41
CA ILE A 29 -14.08 6.29 3.06
C ILE A 29 -14.79 4.98 2.72
N ASP A 30 -14.73 4.00 3.61
CA ASP A 30 -15.38 2.72 3.37
C ASP A 30 -16.88 2.90 3.23
N THR A 31 -17.46 3.78 4.03
CA THR A 31 -18.89 4.04 3.97
C THR A 31 -19.26 4.62 2.62
N TYR A 32 -18.54 5.66 2.21
CA TYR A 32 -18.80 6.31 0.94
C TYR A 32 -18.73 5.33 -0.22
N CYS A 33 -17.67 4.53 -0.26
CA CYS A 33 -17.47 3.57 -1.33
C CYS A 33 -18.42 2.39 -1.28
N THR A 34 -18.97 2.13 -0.10
CA THR A 34 -19.91 1.03 0.06
C THR A 34 -21.31 1.46 -0.35
N GLN A 35 -21.64 2.72 -0.12
CA GLN A 35 -22.97 3.21 -0.45
C GLN A 35 -23.11 4.14 -1.66
N LYS A 36 -22.03 4.75 -2.12
CA LYS A 36 -22.13 5.65 -3.25
C LYS A 36 -21.38 5.23 -4.51
N GLU A 37 -20.05 5.21 -4.45
CA GLU A 37 -19.27 4.81 -5.61
C GLU A 37 -18.14 3.86 -5.24
N TRP A 38 -18.00 2.79 -6.02
CA TRP A 38 -16.95 1.81 -5.79
C TRP A 38 -15.62 2.50 -6.11
N ALA A 39 -14.59 2.20 -5.34
CA ALA A 39 -13.28 2.79 -5.57
C ALA A 39 -12.24 1.71 -5.25
N MET A 40 -11.10 1.76 -5.92
CA MET A 40 -10.08 0.74 -5.73
C MET A 40 -9.21 0.83 -4.47
N ASN A 41 -9.82 1.11 -3.32
CA ASN A 41 -9.10 1.15 -2.04
C ASN A 41 -9.01 -0.32 -1.61
N VAL A 42 -7.97 -0.69 -0.86
CA VAL A 42 -7.86 -2.08 -0.43
C VAL A 42 -9.09 -2.54 0.36
N GLY A 43 -9.75 -1.63 1.05
CA GLY A 43 -10.94 -2.00 1.78
C GLY A 43 -10.74 -2.48 3.21
N ASP A 44 -11.84 -2.68 3.92
CA ASP A 44 -11.77 -3.12 5.31
C ASP A 44 -11.50 -4.60 5.52
N ALA A 45 -12.05 -5.46 4.66
CA ALA A 45 -11.82 -6.89 4.81
C ALA A 45 -10.33 -7.19 4.69
N LYS A 46 -9.73 -6.82 3.56
CA LYS A 46 -8.31 -7.05 3.36
C LYS A 46 -7.52 -6.13 4.28
N GLY A 47 -8.09 -4.98 4.61
CA GLY A 47 -7.43 -4.04 5.48
C GLY A 47 -7.14 -4.62 6.86
N GLN A 48 -8.08 -5.40 7.39
CA GLN A 48 -7.91 -6.02 8.70
C GLN A 48 -6.77 -7.02 8.70
N ILE A 49 -6.57 -7.68 7.56
CA ILE A 49 -5.50 -8.65 7.45
C ILE A 49 -4.19 -7.86 7.44
N MET A 50 -4.18 -6.75 6.72
CA MET A 50 -2.99 -5.89 6.66
C MET A 50 -2.62 -5.45 8.07
N ASP A 51 -3.61 -4.97 8.81
CA ASP A 51 -3.39 -4.50 10.18
C ASP A 51 -2.67 -5.58 11.01
N ALA A 52 -3.17 -6.81 10.93
CA ALA A 52 -2.59 -7.93 11.68
C ALA A 52 -1.16 -8.23 11.28
N VAL A 53 -0.85 -8.13 9.98
CA VAL A 53 0.51 -8.39 9.51
C VAL A 53 1.44 -7.26 9.98
N ILE A 54 0.98 -6.02 9.90
CA ILE A 54 1.79 -4.88 10.33
C ILE A 54 2.13 -5.05 11.81
N ARG A 55 1.12 -5.38 12.61
CA ARG A 55 1.31 -5.56 14.04
C ARG A 55 2.35 -6.62 14.35
N GLU A 56 2.32 -7.73 13.61
CA GLU A 56 3.28 -8.79 13.86
C GLU A 56 4.71 -8.37 13.56
N TYR A 57 4.93 -7.79 12.38
CA TYR A 57 6.28 -7.38 11.98
C TYR A 57 6.74 -6.02 12.49
N SER A 58 5.81 -5.14 12.82
CA SER A 58 6.18 -3.83 13.35
C SER A 58 7.34 -3.22 12.53
N PRO A 59 7.13 -2.99 11.22
CA PRO A 59 8.18 -2.42 10.36
C PRO A 59 8.55 -0.97 10.68
N SER A 60 9.82 -0.63 10.44
CA SER A 60 10.31 0.73 10.66
C SER A 60 10.32 1.52 9.35
N LEU A 61 10.50 0.82 8.24
CA LEU A 61 10.50 1.47 6.94
C LEU A 61 9.62 0.69 5.97
N VAL A 62 8.52 1.30 5.57
CA VAL A 62 7.57 0.66 4.66
C VAL A 62 7.50 1.40 3.34
N LEU A 63 7.44 0.65 2.25
CA LEU A 63 7.32 1.25 0.93
C LEU A 63 6.00 0.78 0.32
N GLU A 64 5.18 1.72 -0.11
CA GLU A 64 3.89 1.40 -0.73
C GLU A 64 3.96 1.80 -2.21
N LEU A 65 3.50 0.91 -3.08
CA LEU A 65 3.47 1.21 -4.51
C LEU A 65 2.02 1.38 -4.90
N GLY A 66 1.60 2.62 -5.14
CA GLY A 66 0.22 2.90 -5.51
C GLY A 66 -0.57 3.46 -4.34
N ALA A 67 -0.61 4.78 -4.22
CA ALA A 67 -1.33 5.44 -3.13
C ALA A 67 -2.81 5.69 -3.41
N TYR A 68 -3.12 6.15 -4.62
CA TYR A 68 -4.48 6.50 -5.04
C TYR A 68 -5.01 7.66 -4.19
N CYS A 69 -5.93 7.38 -3.26
CA CYS A 69 -6.48 8.43 -2.41
C CYS A 69 -5.91 8.44 -0.99
N GLY A 70 -5.01 7.50 -0.71
CA GLY A 70 -4.39 7.44 0.61
C GLY A 70 -5.03 6.52 1.62
N TYR A 71 -5.97 5.69 1.19
CA TYR A 71 -6.64 4.78 2.12
C TYR A 71 -5.68 3.83 2.84
N SER A 72 -4.92 3.04 2.08
CA SER A 72 -3.99 2.10 2.69
C SER A 72 -2.83 2.78 3.41
N ALA A 73 -2.46 3.98 2.96
CA ALA A 73 -1.37 4.72 3.59
C ALA A 73 -1.81 5.14 4.99
N VAL A 74 -3.05 5.58 5.10
CA VAL A 74 -3.59 5.99 6.40
C VAL A 74 -3.73 4.73 7.26
N ARG A 75 -4.17 3.65 6.62
CA ARG A 75 -4.37 2.38 7.31
C ARG A 75 -3.07 1.88 7.93
N MET A 76 -1.99 1.88 7.16
CA MET A 76 -0.70 1.41 7.64
C MET A 76 0.01 2.37 8.58
N ALA A 77 0.02 3.65 8.23
CA ALA A 77 0.70 4.68 9.05
C ALA A 77 0.14 4.83 10.47
N ARG A 78 -1.18 4.65 10.63
CA ARG A 78 -1.79 4.79 11.95
C ARG A 78 -1.26 3.72 12.91
N LEU A 79 -0.71 2.65 12.37
CA LEU A 79 -0.18 1.56 13.17
C LEU A 79 1.35 1.58 13.32
N LEU A 80 2.01 2.51 12.65
CA LEU A 80 3.48 2.58 12.74
C LEU A 80 3.97 3.12 14.06
N GLN A 81 5.07 2.53 14.54
CA GLN A 81 5.68 2.94 15.80
C GLN A 81 6.38 4.28 15.60
N PRO A 82 6.56 5.06 16.69
CA PRO A 82 7.24 6.35 16.56
C PRO A 82 8.60 6.19 15.90
N GLY A 83 8.92 7.09 14.97
CA GLY A 83 10.20 7.00 14.27
C GLY A 83 10.14 6.18 12.99
N ALA A 84 9.06 5.43 12.78
CA ALA A 84 8.90 4.63 11.59
C ALA A 84 8.50 5.55 10.43
N ARG A 85 8.82 5.13 9.21
CA ARG A 85 8.50 5.92 8.03
C ARG A 85 7.77 5.12 6.96
N LEU A 86 6.86 5.78 6.27
CA LEU A 86 6.13 5.16 5.19
C LEU A 86 6.32 6.02 3.96
N LEU A 87 6.87 5.41 2.91
CA LEU A 87 7.08 6.12 1.64
C LEU A 87 6.07 5.51 0.68
N THR A 88 5.30 6.35 -0.01
CA THR A 88 4.33 5.83 -0.96
C THR A 88 4.49 6.48 -2.33
N MET A 89 4.52 5.66 -3.36
CA MET A 89 4.69 6.14 -4.73
C MET A 89 3.36 6.22 -5.47
N GLU A 90 3.11 7.35 -6.13
CA GLU A 90 1.89 7.57 -6.89
C GLU A 90 2.24 8.37 -8.14
N MET A 91 2.02 7.79 -9.31
CA MET A 91 2.38 8.48 -10.55
C MET A 91 1.37 9.52 -11.02
N ASN A 92 0.11 9.38 -10.63
CA ASN A 92 -0.92 10.33 -11.03
C ASN A 92 -0.85 11.54 -10.08
N PRO A 93 -0.42 12.70 -10.59
CA PRO A 93 -0.33 13.90 -9.74
C PRO A 93 -1.63 14.30 -9.07
N ASP A 94 -2.76 14.04 -9.72
CA ASP A 94 -4.05 14.37 -9.12
C ASP A 94 -4.32 13.53 -7.89
N TYR A 95 -4.01 12.24 -7.97
CA TYR A 95 -4.20 11.34 -6.85
C TYR A 95 -3.22 11.65 -5.73
N ALA A 96 -1.99 12.01 -6.10
CA ALA A 96 -0.98 12.34 -5.10
C ALA A 96 -1.41 13.53 -4.26
N ALA A 97 -2.11 14.48 -4.91
CA ALA A 97 -2.59 15.67 -4.22
C ALA A 97 -3.67 15.28 -3.22
N ILE A 98 -4.58 14.40 -3.63
CA ILE A 98 -5.66 13.93 -2.76
C ILE A 98 -5.08 13.19 -1.57
N THR A 99 -4.10 12.32 -1.83
CA THR A 99 -3.46 11.53 -0.78
C THR A 99 -2.82 12.45 0.26
N GLN A 100 -2.16 13.49 -0.20
CA GLN A 100 -1.52 14.43 0.71
C GLN A 100 -2.58 15.08 1.61
N GLN A 101 -3.69 15.50 1.00
CA GLN A 101 -4.77 16.11 1.77
C GLN A 101 -5.37 15.10 2.74
N MET A 102 -5.50 13.86 2.31
CA MET A 102 -6.07 12.81 3.15
C MET A 102 -5.18 12.59 4.37
N LEU A 103 -3.87 12.53 4.16
CA LEU A 103 -2.93 12.33 5.25
C LEU A 103 -2.94 13.52 6.22
N ASN A 104 -3.01 14.73 5.68
CA ASN A 104 -3.05 15.93 6.49
C ASN A 104 -4.27 15.92 7.42
N PHE A 105 -5.44 15.63 6.84
CA PHE A 105 -6.68 15.58 7.61
C PHE A 105 -6.59 14.52 8.69
N ALA A 106 -5.97 13.38 8.38
CA ALA A 106 -5.83 12.29 9.33
C ALA A 106 -4.76 12.61 10.36
N GLY A 107 -3.95 13.62 10.08
CA GLY A 107 -2.91 14.00 11.01
C GLY A 107 -1.74 13.04 11.02
N LEU A 108 -1.51 12.40 9.88
CA LEU A 108 -0.41 11.45 9.76
C LEU A 108 0.64 11.93 8.77
N GLN A 109 0.57 13.21 8.41
CA GLN A 109 1.51 13.76 7.43
C GLN A 109 2.98 13.65 7.83
N ASP A 110 3.27 13.58 9.12
CA ASP A 110 4.66 13.51 9.55
C ASP A 110 5.31 12.15 9.32
N LYS A 111 4.51 11.10 9.31
CA LYS A 111 5.03 9.75 9.11
C LYS A 111 5.14 9.32 7.65
N VAL A 112 4.37 9.98 6.78
CA VAL A 112 4.36 9.60 5.37
C VAL A 112 4.97 10.61 4.40
N THR A 113 5.68 10.09 3.41
CA THR A 113 6.30 10.90 2.38
C THR A 113 5.79 10.39 1.04
N ILE A 114 5.15 11.26 0.28
CA ILE A 114 4.61 10.89 -1.01
C ILE A 114 5.63 11.13 -2.10
N LEU A 115 5.92 10.10 -2.89
CA LEU A 115 6.86 10.23 -3.99
C LEU A 115 6.01 10.28 -5.25
N ASN A 116 6.02 11.44 -5.93
CA ASN A 116 5.23 11.59 -7.13
C ASN A 116 6.05 11.19 -8.36
N GLY A 117 5.68 10.05 -8.95
CA GLY A 117 6.38 9.56 -10.12
C GLY A 117 6.09 8.08 -10.31
N ALA A 118 6.63 7.51 -11.39
CA ALA A 118 6.43 6.10 -11.68
C ALA A 118 7.45 5.28 -10.91
N SER A 119 6.99 4.18 -10.32
CA SER A 119 7.86 3.30 -9.54
C SER A 119 9.14 2.93 -10.26
N GLN A 120 9.06 2.59 -11.54
CA GLN A 120 10.26 2.19 -12.29
C GLN A 120 11.32 3.29 -12.34
N ASP A 121 10.88 4.55 -12.28
CA ASP A 121 11.82 5.66 -12.32
C ASP A 121 12.30 6.05 -10.93
N LEU A 122 11.44 5.85 -9.92
CA LEU A 122 11.78 6.22 -8.55
C LEU A 122 12.54 5.20 -7.74
N ILE A 123 12.28 3.91 -7.96
CA ILE A 123 12.97 2.89 -7.20
C ILE A 123 14.49 3.00 -7.26
N PRO A 124 15.06 3.30 -8.44
CA PRO A 124 16.52 3.42 -8.54
C PRO A 124 17.07 4.60 -7.75
N GLN A 125 16.20 5.50 -7.31
CA GLN A 125 16.62 6.69 -6.58
C GLN A 125 16.36 6.69 -5.06
N LEU A 126 15.77 5.62 -4.56
CA LEU A 126 15.45 5.55 -3.13
C LEU A 126 16.61 5.70 -2.16
N LYS A 127 17.69 4.95 -2.38
CA LYS A 127 18.83 5.01 -1.48
C LYS A 127 19.51 6.38 -1.45
N LYS A 128 19.68 6.97 -2.62
CA LYS A 128 20.33 8.26 -2.74
C LYS A 128 19.52 9.44 -2.20
N LYS A 129 18.35 9.66 -2.78
CA LYS A 129 17.51 10.79 -2.38
C LYS A 129 16.67 10.70 -1.11
N TYR A 130 16.37 9.50 -0.63
CA TYR A 130 15.55 9.39 0.57
C TYR A 130 16.20 8.71 1.75
N ASP A 131 17.51 8.53 1.68
CA ASP A 131 18.25 7.89 2.76
C ASP A 131 17.61 6.57 3.18
N VAL A 132 17.58 5.63 2.25
CA VAL A 132 17.01 4.32 2.50
C VAL A 132 18.11 3.29 2.27
N ASP A 133 18.26 2.37 3.22
CA ASP A 133 19.24 1.32 3.10
C ASP A 133 18.50 0.11 2.55
N THR A 134 17.63 -0.49 3.36
CA THR A 134 16.83 -1.63 2.94
C THR A 134 15.43 -1.44 3.49
N LEU A 135 14.45 -2.06 2.84
CA LEU A 135 13.06 -1.93 3.25
C LEU A 135 12.64 -3.07 4.17
N ASP A 136 11.82 -2.75 5.18
CA ASP A 136 11.34 -3.78 6.10
C ASP A 136 10.12 -4.44 5.48
N MET A 137 9.31 -3.64 4.81
CA MET A 137 8.09 -4.13 4.20
C MET A 137 7.73 -3.33 2.96
N VAL A 138 7.13 -4.03 1.99
CA VAL A 138 6.71 -3.42 0.74
C VAL A 138 5.26 -3.82 0.44
N PHE A 139 4.42 -2.83 0.15
CA PHE A 139 3.04 -3.13 -0.19
C PHE A 139 2.84 -2.87 -1.68
N LEU A 140 2.56 -3.93 -2.43
CA LEU A 140 2.36 -3.82 -3.87
C LEU A 140 0.88 -3.70 -4.18
N ASP A 141 0.49 -2.57 -4.77
CA ASP A 141 -0.91 -2.37 -5.12
C ASP A 141 -1.09 -1.32 -6.23
N HIS A 142 -0.20 -1.34 -7.23
CA HIS A 142 -0.32 -0.43 -8.35
C HIS A 142 -0.78 -1.26 -9.57
N TRP A 143 -0.44 -0.88 -10.80
CA TRP A 143 -0.89 -1.67 -11.95
C TRP A 143 -0.28 -3.07 -11.82
N LYS A 144 -1.12 -4.08 -11.99
CA LYS A 144 -0.71 -5.48 -11.83
C LYS A 144 0.43 -6.00 -12.69
N ASP A 145 0.63 -5.42 -13.87
CA ASP A 145 1.70 -5.86 -14.76
C ASP A 145 3.06 -5.34 -14.30
N ARG A 146 3.06 -4.50 -13.25
CA ARG A 146 4.30 -3.94 -12.71
C ARG A 146 4.81 -4.66 -11.47
N TYR A 147 3.99 -5.55 -10.90
CA TYR A 147 4.41 -6.29 -9.70
C TYR A 147 5.72 -7.05 -9.87
N LEU A 148 5.83 -7.85 -10.93
CA LEU A 148 7.06 -8.63 -11.14
C LEU A 148 8.25 -7.75 -11.52
N PRO A 149 8.12 -6.92 -12.56
CA PRO A 149 9.27 -6.08 -12.90
C PRO A 149 9.78 -5.21 -11.76
N ASP A 150 8.87 -4.66 -10.95
CA ASP A 150 9.29 -3.81 -9.84
C ASP A 150 9.94 -4.60 -8.71
N THR A 151 9.52 -5.85 -8.54
CA THR A 151 10.09 -6.70 -7.51
C THR A 151 11.54 -6.98 -7.91
N LEU A 152 11.76 -7.23 -9.21
CA LEU A 152 13.10 -7.49 -9.72
C LEU A 152 13.97 -6.25 -9.60
N LEU A 153 13.36 -5.08 -9.77
CA LEU A 153 14.07 -3.81 -9.68
C LEU A 153 14.52 -3.57 -8.24
N LEU A 154 13.62 -3.84 -7.28
CA LEU A 154 13.95 -3.67 -5.87
C LEU A 154 15.13 -4.57 -5.49
N GLU A 155 15.13 -5.78 -6.02
CA GLU A 155 16.19 -6.72 -5.72
C GLU A 155 17.51 -6.25 -6.34
N LYS A 156 17.44 -5.81 -7.60
CA LYS A 156 18.62 -5.33 -8.30
C LYS A 156 19.29 -4.17 -7.57
N CYS A 157 18.48 -3.21 -7.11
CA CYS A 157 18.98 -2.04 -6.40
C CYS A 157 19.35 -2.29 -4.95
N GLY A 158 19.34 -3.56 -4.54
CA GLY A 158 19.70 -3.92 -3.18
C GLY A 158 18.83 -3.32 -2.09
N LEU A 159 17.53 -3.17 -2.38
CA LEU A 159 16.58 -2.60 -1.43
C LEU A 159 15.92 -3.65 -0.54
N LEU A 160 16.12 -4.92 -0.88
CA LEU A 160 15.55 -6.02 -0.12
C LEU A 160 16.62 -6.70 0.72
N ARG A 161 16.24 -7.18 1.89
CA ARG A 161 17.14 -7.92 2.75
C ARG A 161 16.41 -9.13 3.29
N LYS A 162 17.15 -10.09 3.80
CA LYS A 162 16.54 -11.29 4.34
C LYS A 162 15.52 -10.89 5.40
N GLY A 163 14.26 -11.30 5.19
CA GLY A 163 13.23 -10.95 6.15
C GLY A 163 12.28 -9.87 5.64
N THR A 164 12.65 -9.19 4.55
CA THR A 164 11.78 -8.15 4.00
C THR A 164 10.46 -8.80 3.63
N VAL A 165 9.37 -8.17 4.03
CA VAL A 165 8.03 -8.67 3.76
C VAL A 165 7.39 -7.94 2.59
N LEU A 166 7.00 -8.70 1.57
CA LEU A 166 6.30 -8.15 0.43
C LEU A 166 4.85 -8.58 0.60
N LEU A 167 3.93 -7.63 0.59
CA LEU A 167 2.51 -7.92 0.73
C LEU A 167 1.85 -7.44 -0.56
N ALA A 168 1.25 -8.36 -1.31
CA ALA A 168 0.63 -8.00 -2.59
C ALA A 168 -0.89 -8.13 -2.60
N ASP A 169 -1.55 -7.09 -3.10
CA ASP A 169 -3.01 -7.09 -3.20
C ASP A 169 -3.45 -7.61 -4.58
N ASN A 170 -4.69 -8.09 -4.65
CA ASN A 170 -5.28 -8.57 -5.90
C ASN A 170 -4.59 -9.72 -6.62
N VAL A 171 -4.04 -10.67 -5.87
CA VAL A 171 -3.36 -11.79 -6.50
C VAL A 171 -4.37 -12.77 -7.11
N ILE A 172 -5.65 -12.58 -6.81
CA ILE A 172 -6.71 -13.41 -7.36
C ILE A 172 -7.51 -12.57 -8.36
N VAL A 173 -8.00 -11.42 -7.90
CA VAL A 173 -8.79 -10.51 -8.75
C VAL A 173 -8.31 -9.08 -8.59
N PRO A 174 -7.92 -8.41 -9.69
CA PRO A 174 -7.85 -8.81 -11.10
C PRO A 174 -6.83 -9.91 -11.42
N GLY A 175 -5.95 -10.19 -10.46
CA GLY A 175 -4.94 -11.21 -10.69
C GLY A 175 -3.59 -10.63 -11.05
N THR A 176 -2.54 -11.39 -10.75
CA THR A 176 -1.17 -10.98 -11.04
C THR A 176 -0.42 -12.28 -11.35
N PRO A 177 -0.82 -12.95 -12.44
CA PRO A 177 -0.28 -14.22 -12.97
C PRO A 177 1.22 -14.44 -12.91
N ASP A 178 1.98 -13.57 -13.57
CA ASP A 178 3.42 -13.74 -13.59
C ASP A 178 4.09 -13.53 -12.23
N PHE A 179 3.67 -12.50 -11.50
CA PHE A 179 4.24 -12.22 -10.19
C PHE A 179 4.04 -13.41 -9.25
N LEU A 180 2.79 -13.85 -9.16
CA LEU A 180 2.41 -14.96 -8.29
C LEU A 180 3.17 -16.23 -8.62
N ALA A 181 3.29 -16.54 -9.91
CA ALA A 181 4.01 -17.73 -10.36
C ALA A 181 5.48 -17.62 -9.97
N TYR A 182 6.05 -16.43 -10.19
CA TYR A 182 7.45 -16.20 -9.88
C TYR A 182 7.81 -16.34 -8.40
N VAL A 183 7.12 -15.61 -7.52
CA VAL A 183 7.46 -15.69 -6.09
C VAL A 183 7.19 -17.05 -5.45
N ARG A 184 6.11 -17.71 -5.87
CA ARG A 184 5.80 -19.02 -5.30
C ARG A 184 6.77 -20.08 -5.78
N GLY A 185 7.37 -19.87 -6.95
CA GLY A 185 8.31 -20.85 -7.46
C GLY A 185 9.77 -20.55 -7.13
N SER A 186 10.05 -19.36 -6.65
CA SER A 186 11.42 -18.97 -6.31
C SER A 186 11.82 -19.40 -4.91
N SER A 187 13.03 -19.91 -4.77
CA SER A 187 13.51 -20.34 -3.45
C SER A 187 13.94 -19.12 -2.64
N SER A 188 13.84 -17.94 -3.25
CA SER A 188 14.20 -16.71 -2.58
C SER A 188 13.03 -16.13 -1.78
N PHE A 189 11.84 -16.72 -1.93
CA PHE A 189 10.66 -16.23 -1.23
C PHE A 189 9.88 -17.32 -0.51
N GLU A 190 9.34 -16.97 0.65
CA GLU A 190 8.50 -17.86 1.45
C GLU A 190 7.14 -17.20 1.34
N CYS A 191 6.19 -17.86 0.69
CA CYS A 191 4.86 -17.28 0.50
C CYS A 191 3.75 -17.88 1.33
N THR A 192 2.82 -17.01 1.73
CA THR A 192 1.65 -17.40 2.50
C THR A 192 0.51 -16.64 1.87
N HIS A 193 -0.62 -17.31 1.66
CA HIS A 193 -1.78 -16.68 1.04
C HIS A 193 -2.90 -16.44 2.06
N TYR A 194 -3.44 -15.23 2.06
CA TYR A 194 -4.53 -14.88 2.96
C TYR A 194 -5.77 -14.64 2.11
N SER A 195 -6.72 -15.57 2.19
CA SER A 195 -7.94 -15.45 1.42
C SER A 195 -8.87 -14.43 2.03
N SER A 196 -9.41 -13.55 1.19
CA SER A 196 -10.33 -12.53 1.66
C SER A 196 -11.36 -12.20 0.57
N TYR A 197 -11.77 -10.93 0.50
CA TYR A 197 -12.76 -10.51 -0.48
C TYR A 197 -12.40 -9.19 -1.15
N LEU A 198 -12.75 -9.07 -2.43
CA LEU A 198 -12.49 -7.86 -3.18
C LEU A 198 -13.19 -6.71 -2.45
N GLU A 199 -12.51 -5.57 -2.35
CA GLU A 199 -13.06 -4.40 -1.67
C GLU A 199 -14.47 -4.05 -2.12
N TYR A 200 -15.35 -3.90 -1.13
CA TYR A 200 -16.74 -3.53 -1.35
C TYR A 200 -17.54 -4.51 -2.21
N MET A 201 -17.21 -5.79 -2.12
CA MET A 201 -17.90 -6.82 -2.90
C MET A 201 -17.77 -8.24 -2.32
N LYS A 202 -18.61 -9.15 -2.81
CA LYS A 202 -18.65 -10.55 -2.38
C LYS A 202 -17.69 -11.44 -3.18
N VAL A 203 -16.95 -10.84 -4.09
CA VAL A 203 -16.00 -11.58 -4.90
C VAL A 203 -14.78 -11.95 -4.07
N VAL A 204 -14.31 -13.19 -4.22
CA VAL A 204 -13.15 -13.65 -3.47
C VAL A 204 -11.86 -13.10 -4.08
N ASP A 205 -10.99 -12.57 -3.22
CA ASP A 205 -9.71 -12.05 -3.65
C ASP A 205 -8.74 -12.39 -2.51
N GLY A 206 -7.48 -12.02 -2.64
CA GLY A 206 -6.56 -12.34 -1.56
C GLY A 206 -5.26 -11.55 -1.60
N LEU A 207 -4.54 -11.61 -0.50
CA LEU A 207 -3.26 -10.95 -0.37
C LEU A 207 -2.21 -12.06 -0.28
N GLU A 208 -1.06 -11.83 -0.90
CA GLU A 208 0.01 -12.82 -0.85
C GLU A 208 1.14 -12.20 -0.04
N LYS A 209 1.64 -12.93 0.95
CA LYS A 209 2.77 -12.44 1.74
C LYS A 209 3.97 -13.24 1.26
N ALA A 210 4.99 -12.55 0.77
CA ALA A 210 6.20 -13.20 0.28
C ALA A 210 7.38 -12.61 1.02
N ILE A 211 8.00 -13.43 1.86
CA ILE A 211 9.14 -13.00 2.64
C ILE A 211 10.43 -13.32 1.90
N TYR A 212 11.22 -12.28 1.63
CA TYR A 212 12.49 -12.43 0.94
C TYR A 212 13.47 -13.19 1.82
N GLN A 213 14.09 -14.22 1.26
CA GLN A 213 15.04 -15.04 1.99
C GLN A 213 16.48 -14.71 1.62
N GLY A 214 16.63 -13.93 0.55
CA GLY A 214 17.97 -13.56 0.10
C GLY A 214 18.27 -14.26 -1.22
N PRO A 215 19.44 -14.01 -1.82
CA PRO A 215 19.83 -14.63 -3.10
C PRO A 215 19.71 -16.15 -3.09
N SER A 216 19.72 -16.70 -3.68
MG MG B . -5.69 -3.31 -4.88
N SAM C . -3.33 1.06 -2.40
CA SAM C . -4.34 2.16 -2.41
C SAM C . -5.41 1.87 -1.38
O SAM C . -5.34 0.81 -0.75
OXT SAM C . -6.32 2.76 -1.27
CB SAM C . -4.99 2.20 -3.79
CG SAM C . -4.02 2.05 -4.92
SD SAM C . -4.75 2.04 -6.59
CE SAM C . -5.49 0.43 -6.53
C5' SAM C . -3.30 1.83 -7.56
C4' SAM C . -2.51 3.08 -7.80
O4' SAM C . -1.35 2.63 -8.52
C3' SAM C . -3.16 4.02 -8.84
O3' SAM C . -3.62 5.19 -8.09
C2' SAM C . -2.03 4.44 -9.79
O2' SAM C . -1.87 5.79 -10.21
C1' SAM C . -0.80 3.74 -9.09
N9 SAM C . 0.06 3.78 -10.27
C8 SAM C . -0.04 2.79 -11.25
N7 SAM C . 1.10 2.32 -11.69
C5 SAM C . 2.05 3.02 -10.98
C6 SAM C . 3.48 3.00 -10.97
N6 SAM C . 4.19 2.19 -11.79
N1 SAM C . 4.17 3.83 -10.12
C2 SAM C . 3.44 4.65 -9.31
N3 SAM C . 2.10 4.76 -9.23
C4 SAM C . 1.44 3.91 -10.10
N2 BIA D . -15.99 -3.80 -10.78
C3 BIA D . -9.05 -3.82 -7.59
C4 BIA D . -17.81 -2.26 -9.91
O5 BIA D . -5.72 -2.36 -6.85
C6 BIA D . -10.43 -4.09 -9.64
C7 BIA D . -7.80 -3.37 -6.85
O8 BIA D . -11.17 -4.86 -9.03
O9 BIA D . -7.70 -3.60 -5.53
C10 BIA D . -19.18 -1.94 -9.82
C11 BIA D . -9.19 -3.60 -8.97
C12 BIA D . -14.28 -4.84 -12.19
N14 BIA D . -5.96 -1.81 -9.83
C16 BIA D . -13.65 -3.43 -10.26
O17 BIA D . -4.91 -1.41 -9.30
O18 BIA D . -6.16 -1.65 -11.02
C19 BIA D . -8.15 -2.93 -9.68
C21 BIA D . -15.02 -2.81 -10.26
C22 BIA D . -10.76 -3.65 -11.07
N23 BIA D . -13.25 -3.90 -11.65
C24 BIA D . -19.71 -3.87 -11.21
C25 BIA D . -15.62 -4.18 -12.18
C26 BIA D . -18.36 -4.18 -11.30
C27 BIA D . -11.87 -4.53 -11.60
C28 BIA D . -6.99 -2.51 -9.00
C31 BIA D . -17.36 -3.41 -10.66
C32 BIA D . -6.79 -2.71 -7.58
C33 BIA D . -20.67 -4.77 -11.93
F37 BIA D . -21.59 -3.96 -12.52
F38 BIA D . -20.14 -5.42 -12.90
F39 BIA D . -21.27 -5.48 -11.09
C37 BIA D . -20.15 -2.74 -10.47
#